data_9HQH
#
_entry.id   9HQH
#
_cell.length_a   33.146
_cell.length_b   78.014
_cell.length_c   115.900
_cell.angle_alpha   90.00
_cell.angle_beta   90.00
_cell.angle_gamma   90.00
#
_symmetry.space_group_name_H-M   'P 21 21 21'
#
loop_
_entity.id
_entity.type
_entity.pdbx_description
1 polymer 'NAD(+) hydrolase SARM1'
2 non-polymer '[[(2~{S},3~{S},4~{R},5~{R})-5-(6-aminopurin-9-yl)-3,4-bis(oxidanyl)oxolan-2-yl]methoxy-oxidanyl-phosphoryl] [(2~{R},3~{S},4~{R},5~{R})-5-[4-[(1~{R})-1-[[(3~{R})-4,4-bis(fluoranyl)oxolan-3-yl]carbamoyl-methyl-amino]-2-phenoxy-ethyl]pyridin-1-ium-1-yl]-3,4-bis(oxidanyl)oxolan-2-yl]methyl hydrogen phosphate'
3 water water
#
_entity_poly.entity_id   1
_entity_poly.type   'polypeptide(L)'
_entity_poly.pdbx_seq_one_letter_code
;GGSSGSGDTPDVFISYRRNSGSQLASLLKVHLQLHGFSVFIDVEKLEAGKFEDKLIQSVMGARNFVLVLSPGALDKCMQD
HDCKDWVHKEIVTALSCGKNIVPIIDGFEWPEPQVLPEDMQAVLTFNGIKWSHEYQEATIEKIIRFLQ
;
_entity_poly.pdbx_strand_id   A,B
#
# COMPACT_ATOMS: atom_id res chain seq x y z
N THR A 9 -0.02 -24.47 6.46
CA THR A 9 1.40 -24.26 6.76
C THR A 9 1.71 -22.76 6.91
N PRO A 10 1.34 -21.84 5.97
CA PRO A 10 1.20 -20.42 6.30
C PRO A 10 0.40 -20.14 7.57
N ASP A 11 0.94 -19.24 8.40
CA ASP A 11 0.38 -18.86 9.68
C ASP A 11 -0.69 -17.78 9.52
N VAL A 12 -0.61 -17.07 8.40
CA VAL A 12 -1.39 -15.86 8.20
C VAL A 12 -1.91 -15.84 6.77
N PHE A 13 -3.21 -15.68 6.61
CA PHE A 13 -3.81 -15.52 5.31
C PHE A 13 -4.34 -14.09 5.21
N ILE A 14 -3.97 -13.40 4.13
CA ILE A 14 -4.42 -12.03 3.90
C ILE A 14 -5.46 -12.06 2.79
N SER A 15 -6.66 -11.61 3.19
CA SER A 15 -7.81 -11.47 2.32
C SER A 15 -8.06 -9.99 2.10
N TYR A 16 -8.34 -9.58 0.87
CA TYR A 16 -8.35 -8.15 0.56
C TYR A 16 -9.08 -7.91 -0.75
N ARG A 17 -9.48 -6.65 -0.91
CA ARG A 17 -10.01 -6.19 -2.18
C ARG A 17 -8.84 -5.63 -2.99
N ARG A 18 -8.73 -6.06 -4.24
CA ARG A 18 -7.68 -5.61 -5.14
C ARG A 18 -7.83 -4.14 -5.52
N ASN A 19 -9.04 -3.66 -5.81
CA ASN A 19 -9.18 -2.31 -6.33
C ASN A 19 -8.88 -1.25 -5.26
N SER A 20 -9.04 -1.58 -3.96
CA SER A 20 -8.84 -0.55 -2.94
C SER A 20 -7.78 -0.93 -1.92
N GLY A 21 -7.30 -2.17 -1.94
CA GLY A 21 -6.57 -2.65 -0.77
C GLY A 21 -5.30 -3.42 -1.11
N SER A 22 -4.91 -3.43 -2.38
N SER A 22 -4.89 -3.40 -2.38
CA SER A 22 -3.77 -4.19 -2.85
CA SER A 22 -3.78 -4.23 -2.82
C SER A 22 -2.49 -3.75 -2.13
C SER A 22 -2.47 -3.75 -2.18
N GLN A 23 -2.30 -2.44 -2.05
CA GLN A 23 -1.06 -1.89 -1.51
CA GLN A 23 -1.05 -1.90 -1.51
C GLN A 23 -0.93 -2.25 -0.02
N LEU A 24 -2.00 -1.99 0.73
CA LEU A 24 -2.02 -2.27 2.16
C LEU A 24 -1.75 -3.76 2.44
N ALA A 25 -2.37 -4.62 1.62
CA ALA A 25 -2.23 -6.05 1.78
C ALA A 25 -0.80 -6.51 1.59
N SER A 26 -0.10 -5.91 0.59
CA SER A 26 1.31 -6.20 0.35
C SER A 26 2.21 -5.58 1.43
N LEU A 27 1.83 -4.39 1.91
CA LEU A 27 2.56 -3.74 2.98
C LEU A 27 2.51 -4.60 4.26
N LEU A 28 1.31 -5.06 4.59
CA LEU A 28 1.12 -5.92 5.73
C LEU A 28 1.92 -7.20 5.56
N LYS A 29 1.93 -7.80 4.36
CA LYS A 29 2.66 -9.05 4.19
C LYS A 29 4.14 -8.89 4.54
N VAL A 30 4.75 -7.81 4.06
CA VAL A 30 6.19 -7.61 4.21
C VAL A 30 6.49 -7.46 5.69
N HIS A 31 5.68 -6.65 6.38
CA HIS A 31 5.91 -6.39 7.80
C HIS A 31 5.81 -7.68 8.58
N LEU A 32 4.85 -8.54 8.24
CA LEU A 32 4.67 -9.76 9.01
C LEU A 32 5.79 -10.75 8.71
N GLN A 33 6.27 -10.78 7.46
CA GLN A 33 7.38 -11.65 7.14
C GLN A 33 8.62 -11.19 7.87
N LEU A 34 8.87 -9.88 7.93
CA LEU A 34 10.00 -9.34 8.70
C LEU A 34 9.94 -9.79 10.15
N HIS A 35 8.71 -10.00 10.66
CA HIS A 35 8.53 -10.39 12.04
C HIS A 35 8.40 -11.91 12.18
N GLY A 36 8.78 -12.69 11.16
CA GLY A 36 8.95 -14.12 11.30
C GLY A 36 7.68 -14.95 11.02
N PHE A 37 6.62 -14.33 10.52
CA PHE A 37 5.36 -15.02 10.20
C PHE A 37 5.32 -15.41 8.72
N SER A 38 4.85 -16.63 8.43
N SER A 38 4.82 -16.62 8.43
CA SER A 38 4.61 -17.04 7.06
CA SER A 38 4.60 -17.05 7.05
C SER A 38 3.25 -16.49 6.62
C SER A 38 3.23 -16.56 6.59
N VAL A 39 3.22 -15.91 5.43
CA VAL A 39 2.06 -15.17 4.98
C VAL A 39 1.66 -15.70 3.61
N PHE A 40 0.39 -16.08 3.51
CA PHE A 40 -0.21 -16.25 2.21
C PHE A 40 -0.87 -14.94 1.78
N ILE A 41 -0.46 -14.52 0.59
CA ILE A 41 -1.24 -13.62 -0.23
C ILE A 41 -1.19 -14.16 -1.65
N ASP A 42 -2.30 -14.01 -2.37
CA ASP A 42 -2.50 -14.63 -3.66
C ASP A 42 -1.31 -14.39 -4.59
N VAL A 43 -0.94 -13.11 -4.79
CA VAL A 43 -0.04 -12.71 -5.86
C VAL A 43 1.38 -13.23 -5.57
N GLU A 44 1.59 -13.82 -4.39
CA GLU A 44 2.85 -14.48 -4.10
C GLU A 44 2.72 -15.99 -3.94
N LYS A 45 1.56 -16.51 -3.51
CA LYS A 45 1.52 -17.87 -2.99
C LYS A 45 0.54 -18.75 -3.74
N LEU A 46 -0.50 -18.19 -4.34
CA LEU A 46 -1.43 -18.96 -5.17
C LEU A 46 -0.71 -19.41 -6.43
N GLU A 47 -0.45 -20.74 -6.51
CA GLU A 47 0.29 -21.30 -7.64
C GLU A 47 -0.59 -22.20 -8.51
N ALA A 48 -0.07 -23.34 -8.94
CA ALA A 48 -0.70 -24.09 -10.03
C ALA A 48 -1.98 -24.78 -9.57
N GLY A 49 -2.94 -24.99 -10.47
CA GLY A 49 -4.11 -25.79 -10.18
C GLY A 49 -5.41 -24.97 -10.27
N LYS A 50 -6.48 -25.59 -9.77
CA LYS A 50 -7.79 -24.97 -9.70
C LYS A 50 -7.80 -24.07 -8.47
N PHE A 51 -8.07 -22.79 -8.69
CA PHE A 51 -7.81 -21.77 -7.69
C PHE A 51 -8.87 -21.82 -6.59
N GLU A 52 -10.11 -22.16 -6.97
CA GLU A 52 -11.16 -22.32 -5.99
C GLU A 52 -10.73 -23.27 -4.87
N ASP A 53 -10.16 -24.42 -5.24
CA ASP A 53 -9.66 -25.39 -4.30
C ASP A 53 -8.52 -24.79 -3.49
N LYS A 54 -7.49 -24.27 -4.17
CA LYS A 54 -6.23 -23.91 -3.54
C LYS A 54 -6.38 -22.73 -2.57
N LEU A 55 -7.18 -21.74 -2.95
CA LEU A 55 -7.46 -20.62 -2.09
C LEU A 55 -8.13 -21.09 -0.80
N ILE A 56 -9.19 -21.89 -0.94
CA ILE A 56 -9.96 -22.36 0.19
C ILE A 56 -9.11 -23.23 1.09
N GLN A 57 -8.22 -24.06 0.53
CA GLN A 57 -7.27 -24.84 1.32
CA GLN A 57 -7.31 -24.85 1.35
C GLN A 57 -6.36 -23.90 2.09
N SER A 58 -5.99 -22.80 1.45
CA SER A 58 -5.07 -21.84 2.05
C SER A 58 -5.69 -21.10 3.25
N VAL A 59 -6.95 -20.68 3.13
CA VAL A 59 -7.69 -20.10 4.26
C VAL A 59 -7.80 -21.15 5.37
N MET A 60 -8.12 -22.40 5.02
CA MET A 60 -8.31 -23.47 5.98
C MET A 60 -7.02 -23.82 6.71
N GLY A 61 -5.88 -23.56 6.06
CA GLY A 61 -4.57 -23.98 6.54
C GLY A 61 -3.93 -22.99 7.51
N ALA A 62 -4.44 -21.75 7.60
CA ALA A 62 -3.76 -20.66 8.30
C ALA A 62 -4.48 -20.35 9.61
N ARG A 63 -3.72 -20.37 10.71
CA ARG A 63 -4.29 -20.06 12.00
C ARG A 63 -4.95 -18.67 12.00
N ASN A 64 -4.34 -17.71 11.29
CA ASN A 64 -4.77 -16.32 11.41
C ASN A 64 -5.32 -15.85 10.09
N PHE A 65 -6.37 -15.03 10.16
CA PHE A 65 -6.99 -14.51 8.96
C PHE A 65 -7.06 -12.99 9.03
N VAL A 66 -6.18 -12.34 8.25
CA VAL A 66 -6.11 -10.89 8.23
C VAL A 66 -6.98 -10.35 7.09
N LEU A 67 -8.03 -9.61 7.47
CA LEU A 67 -8.97 -9.07 6.52
C LEU A 67 -8.81 -7.56 6.35
N VAL A 68 -8.50 -7.12 5.14
CA VAL A 68 -8.18 -5.73 4.87
C VAL A 68 -9.46 -5.00 4.45
N LEU A 69 -9.93 -4.14 5.35
CA LEU A 69 -11.15 -3.38 5.14
C LEU A 69 -10.74 -1.98 4.69
N SER A 70 -10.32 -1.94 3.43
CA SER A 70 -10.26 -0.75 2.63
C SER A 70 -11.70 -0.26 2.43
N PRO A 71 -11.91 1.00 1.99
CA PRO A 71 -13.25 1.54 1.84
C PRO A 71 -14.06 0.76 0.81
N GLY A 72 -15.30 0.43 1.17
CA GLY A 72 -16.17 -0.36 0.31
C GLY A 72 -15.70 -1.80 0.13
N ALA A 73 -14.85 -2.32 1.03
CA ALA A 73 -14.25 -3.64 0.81
C ALA A 73 -15.29 -4.76 0.77
N LEU A 74 -16.41 -4.61 1.48
CA LEU A 74 -17.44 -5.62 1.49
C LEU A 74 -18.62 -5.30 0.56
N ASP A 75 -18.50 -4.33 -0.36
CA ASP A 75 -19.62 -3.93 -1.21
C ASP A 75 -20.06 -5.12 -2.09
N LYS A 76 -19.11 -5.85 -2.66
CA LYS A 76 -19.44 -6.93 -3.57
C LYS A 76 -19.78 -8.22 -2.81
N CYS A 77 -19.88 -8.12 -1.47
CA CYS A 77 -20.35 -9.22 -0.65
C CYS A 77 -21.87 -9.13 -0.49
N MET A 78 -22.40 -7.92 -0.61
CA MET A 78 -23.80 -7.66 -0.29
C MET A 78 -24.64 -8.16 -1.46
N GLN A 79 -25.71 -8.90 -1.15
CA GLN A 79 -26.57 -9.48 -2.17
C GLN A 79 -25.83 -10.56 -2.97
N ASP A 80 -24.70 -11.07 -2.44
CA ASP A 80 -23.94 -12.12 -3.11
C ASP A 80 -24.47 -13.47 -2.65
N HIS A 81 -25.73 -13.76 -2.99
CA HIS A 81 -26.48 -14.78 -2.27
C HIS A 81 -26.00 -16.17 -2.65
N ASP A 82 -25.25 -16.26 -3.77
CA ASP A 82 -24.69 -17.53 -4.23
C ASP A 82 -23.21 -17.70 -3.84
N CYS A 83 -22.65 -16.78 -3.03
CA CYS A 83 -21.28 -16.89 -2.59
C CYS A 83 -20.31 -16.96 -3.78
N LYS A 84 -20.54 -16.09 -4.79
CA LYS A 84 -19.68 -16.00 -5.95
C LYS A 84 -18.46 -15.11 -5.70
N ASP A 85 -18.57 -14.13 -4.80
CA ASP A 85 -17.51 -13.17 -4.54
C ASP A 85 -16.46 -13.82 -3.67
N TRP A 86 -15.20 -13.52 -3.96
CA TRP A 86 -14.07 -14.24 -3.38
C TRP A 86 -13.76 -13.79 -1.95
N VAL A 87 -13.96 -12.49 -1.68
CA VAL A 87 -13.80 -12.02 -0.31
C VAL A 87 -14.89 -12.65 0.54
N HIS A 88 -16.11 -12.82 0.00
CA HIS A 88 -17.20 -13.52 0.70
C HIS A 88 -16.83 -14.97 1.03
N LYS A 89 -16.29 -15.70 0.05
CA LYS A 89 -15.91 -17.09 0.24
C LYS A 89 -14.79 -17.23 1.27
N GLU A 90 -13.83 -16.33 1.23
CA GLU A 90 -12.70 -16.38 2.15
C GLU A 90 -13.19 -16.18 3.59
N ILE A 91 -14.03 -15.15 3.82
CA ILE A 91 -14.56 -14.84 5.14
C ILE A 91 -15.34 -16.04 5.71
N VAL A 92 -16.25 -16.57 4.89
CA VAL A 92 -17.12 -17.68 5.28
C VAL A 92 -16.25 -18.86 5.66
N THR A 93 -15.18 -19.07 4.88
CA THR A 93 -14.26 -20.16 5.18
C THR A 93 -13.61 -19.95 6.55
N ALA A 94 -13.12 -18.73 6.81
CA ALA A 94 -12.44 -18.38 8.06
C ALA A 94 -13.39 -18.44 9.24
N LEU A 95 -14.62 -17.98 9.06
CA LEU A 95 -15.64 -18.12 10.09
C LEU A 95 -15.87 -19.59 10.42
N SER A 96 -16.19 -20.38 9.40
N SER A 96 -16.10 -20.40 9.38
CA SER A 96 -16.57 -21.77 9.63
CA SER A 96 -16.57 -21.78 9.55
C SER A 96 -15.45 -22.49 10.38
C SER A 96 -15.43 -22.70 10.02
N CYS A 97 -14.19 -22.17 10.05
CA CYS A 97 -13.05 -22.91 10.56
C CYS A 97 -12.63 -22.37 11.93
N GLY A 98 -13.33 -21.33 12.41
CA GLY A 98 -13.01 -20.74 13.71
C GLY A 98 -11.61 -20.14 13.70
N LYS A 99 -11.26 -19.40 12.65
CA LYS A 99 -9.93 -18.84 12.57
C LYS A 99 -9.79 -17.58 13.44
N ASN A 100 -8.56 -17.30 13.88
CA ASN A 100 -8.30 -16.02 14.53
C ASN A 100 -8.45 -14.91 13.49
N ILE A 101 -9.63 -14.31 13.42
CA ILE A 101 -9.88 -13.25 12.45
C ILE A 101 -9.41 -11.90 13.01
N VAL A 102 -8.68 -11.15 12.14
CA VAL A 102 -8.08 -9.88 12.50
C VAL A 102 -8.40 -8.88 11.39
N PRO A 103 -9.52 -8.12 11.50
CA PRO A 103 -9.80 -7.01 10.60
C PRO A 103 -8.83 -5.83 10.77
N ILE A 104 -8.37 -5.28 9.63
CA ILE A 104 -7.54 -4.08 9.55
C ILE A 104 -8.37 -3.01 8.85
N ILE A 105 -8.66 -1.92 9.58
CA ILE A 105 -9.60 -0.91 9.12
C ILE A 105 -8.79 0.28 8.56
N ASP A 106 -9.10 0.63 7.30
CA ASP A 106 -8.42 1.71 6.60
C ASP A 106 -9.48 2.48 5.82
N GLY A 107 -10.16 3.40 6.51
CA GLY A 107 -11.18 4.23 5.89
C GLY A 107 -12.49 3.48 5.66
N PHE A 108 -12.61 2.28 6.24
CA PHE A 108 -13.77 1.43 6.07
C PHE A 108 -14.91 1.99 6.90
N GLU A 109 -16.12 2.11 6.30
CA GLU A 109 -17.33 2.48 7.04
C GLU A 109 -18.07 1.19 7.44
N TRP A 110 -18.28 0.99 8.75
CA TRP A 110 -18.99 -0.18 9.28
C TRP A 110 -20.42 -0.24 8.77
N PRO A 111 -20.86 -1.39 8.19
CA PRO A 111 -22.22 -1.56 7.72
C PRO A 111 -23.14 -2.17 8.77
N GLU A 112 -24.43 -1.86 8.65
CA GLU A 112 -25.44 -2.57 9.40
C GLU A 112 -25.28 -4.04 9.01
N PRO A 113 -25.35 -4.99 9.98
CA PRO A 113 -25.31 -6.42 9.67
C PRO A 113 -26.28 -6.88 8.57
N GLN A 114 -27.48 -6.28 8.50
CA GLN A 114 -28.59 -6.77 7.69
C GLN A 114 -28.23 -6.74 6.20
N VAL A 115 -27.31 -5.85 5.79
CA VAL A 115 -26.95 -5.64 4.38
C VAL A 115 -25.92 -6.68 3.91
N LEU A 116 -25.35 -7.45 4.84
CA LEU A 116 -24.43 -8.54 4.51
C LEU A 116 -25.18 -9.88 4.48
N PRO A 117 -24.68 -10.88 3.73
CA PRO A 117 -25.21 -12.25 3.81
C PRO A 117 -25.09 -12.85 5.20
N GLU A 118 -26.10 -13.65 5.59
CA GLU A 118 -26.17 -14.23 6.93
C GLU A 118 -24.87 -14.97 7.24
N ASP A 119 -24.28 -15.59 6.21
CA ASP A 119 -23.16 -16.50 6.41
C ASP A 119 -21.90 -15.75 6.84
N MET A 120 -21.86 -14.41 6.68
CA MET A 120 -20.65 -13.65 6.97
C MET A 120 -20.88 -12.43 7.89
N GLN A 121 -22.10 -12.22 8.37
CA GLN A 121 -22.36 -11.17 9.36
C GLN A 121 -21.45 -11.25 10.59
N ALA A 122 -21.02 -12.46 10.97
CA ALA A 122 -20.30 -12.64 12.21
C ALA A 122 -18.92 -11.97 12.16
N VAL A 123 -18.48 -11.51 10.98
CA VAL A 123 -17.15 -10.91 10.83
C VAL A 123 -17.13 -9.58 11.57
N LEU A 124 -18.27 -8.90 11.66
CA LEU A 124 -18.39 -7.60 12.32
C LEU A 124 -18.28 -7.71 13.84
N THR A 125 -18.30 -8.92 14.40
CA THR A 125 -18.25 -9.13 15.84
C THR A 125 -16.82 -9.29 16.32
N PHE A 126 -15.85 -9.20 15.39
CA PHE A 126 -14.45 -9.36 15.74
C PHE A 126 -13.85 -7.98 15.95
N ASN A 127 -12.87 -7.91 16.85
CA ASN A 127 -12.15 -6.70 17.17
C ASN A 127 -11.13 -6.33 16.08
N GLY A 128 -11.30 -5.13 15.52
CA GLY A 128 -10.47 -4.65 14.46
C GLY A 128 -9.43 -3.62 14.90
N ILE A 129 -8.42 -3.45 14.04
CA ILE A 129 -7.27 -2.60 14.25
C ILE A 129 -7.32 -1.46 13.23
N LYS A 130 -7.18 -0.23 13.72
CA LYS A 130 -7.15 0.95 12.87
C LYS A 130 -5.74 1.02 12.28
N TRP A 131 -5.66 1.04 10.95
CA TRP A 131 -4.41 1.33 10.25
C TRP A 131 -4.09 2.82 10.34
N SER A 132 -2.97 3.11 11.00
CA SER A 132 -2.54 4.49 11.19
C SER A 132 -1.38 4.84 10.25
N HIS A 133 -1.61 5.80 9.34
CA HIS A 133 -0.60 6.22 8.38
CA HIS A 133 -0.62 6.23 8.38
C HIS A 133 0.59 6.84 9.09
N GLU A 134 0.33 7.50 10.24
CA GLU A 134 1.35 8.23 10.97
C GLU A 134 2.07 7.32 11.95
N TYR A 135 1.47 6.18 12.37
CA TYR A 135 2.09 5.29 13.34
C TYR A 135 1.98 3.84 12.85
N GLN A 136 2.63 3.57 11.70
CA GLN A 136 2.59 2.29 11.02
C GLN A 136 3.26 1.20 11.86
N GLU A 137 4.45 1.48 12.40
CA GLU A 137 5.13 0.44 13.18
C GLU A 137 4.32 0.05 14.43
N ALA A 138 3.66 1.03 15.07
CA ALA A 138 2.79 0.79 16.21
C ALA A 138 1.60 -0.04 15.77
N THR A 139 1.08 0.23 14.55
CA THR A 139 -0.04 -0.54 14.02
C THR A 139 0.41 -2.00 13.85
N ILE A 140 1.56 -2.21 13.21
CA ILE A 140 2.14 -3.53 12.99
C ILE A 140 2.37 -4.26 14.32
N GLU A 141 2.86 -3.55 15.34
CA GLU A 141 3.11 -4.20 16.60
C GLU A 141 1.80 -4.70 17.22
N LYS A 142 0.71 -3.96 17.00
CA LYS A 142 -0.57 -4.33 17.57
C LYS A 142 -1.13 -5.54 16.85
N ILE A 143 -0.99 -5.53 15.51
CA ILE A 143 -1.38 -6.68 14.71
C ILE A 143 -0.67 -7.94 15.21
N ILE A 144 0.64 -7.85 15.48
CA ILE A 144 1.38 -9.01 15.93
C ILE A 144 0.93 -9.42 17.34
N ARG A 145 0.48 -8.47 18.16
CA ARG A 145 -0.08 -8.91 19.43
C ARG A 145 -1.31 -9.80 19.19
N PHE A 146 -2.15 -9.43 18.22
CA PHE A 146 -3.38 -10.14 17.96
C PHE A 146 -3.14 -11.54 17.39
N LEU A 147 -2.01 -11.74 16.71
CA LEU A 147 -1.76 -12.96 15.96
C LEU A 147 -1.37 -14.10 16.90
N GLN A 148 -1.67 -15.33 16.47
CA GLN A 148 -1.30 -16.55 17.19
C GLN A 148 -0.43 -17.46 16.33
N THR B 9 21.29 13.58 4.39
CA THR B 9 21.82 12.40 5.11
C THR B 9 21.02 11.15 4.72
N PRO B 10 19.75 11.21 4.31
CA PRO B 10 19.12 10.09 3.60
C PRO B 10 19.45 10.07 2.12
N ASP B 11 19.45 8.86 1.52
CA ASP B 11 19.85 8.68 0.13
C ASP B 11 18.63 8.79 -0.78
N VAL B 12 17.44 8.59 -0.22
CA VAL B 12 16.24 8.47 -1.03
C VAL B 12 15.18 9.39 -0.44
N PHE B 13 14.57 10.23 -1.28
CA PHE B 13 13.37 10.96 -0.89
C PHE B 13 12.15 10.39 -1.59
N ILE B 14 11.06 10.16 -0.84
CA ILE B 14 9.82 9.67 -1.44
C ILE B 14 8.75 10.76 -1.46
N SER B 15 8.42 11.21 -2.69
CA SER B 15 7.34 12.14 -2.96
C SER B 15 6.11 11.36 -3.45
N TYR B 16 4.96 11.62 -2.83
CA TYR B 16 3.75 10.86 -3.13
C TYR B 16 2.52 11.71 -2.81
N ARG B 17 1.37 11.27 -3.32
CA ARG B 17 0.08 11.87 -2.99
C ARG B 17 -0.63 11.02 -1.93
N ARG B 18 -0.92 11.61 -0.76
CA ARG B 18 -1.49 10.91 0.40
C ARG B 18 -2.73 10.10 0.03
N ASN B 19 -3.67 10.72 -0.67
CA ASN B 19 -5.00 10.17 -0.78
C ASN B 19 -5.04 9.00 -1.77
N SER B 20 -3.99 8.79 -2.57
CA SER B 20 -3.95 7.69 -3.52
C SER B 20 -2.65 6.88 -3.49
N GLY B 21 -1.60 7.35 -2.80
CA GLY B 21 -0.25 6.81 -2.94
C GLY B 21 0.40 6.46 -1.60
N SER B 22 -0.29 6.76 -0.51
N SER B 22 -0.32 6.71 -0.51
CA SER B 22 0.23 6.57 0.84
CA SER B 22 0.21 6.55 0.84
C SER B 22 0.74 5.14 1.04
C SER B 22 0.73 5.13 1.08
N GLN B 23 -0.05 4.14 0.66
CA GLN B 23 0.27 2.75 0.99
CA GLN B 23 0.25 2.74 0.97
C GLN B 23 1.46 2.29 0.13
N LEU B 24 1.46 2.68 -1.16
CA LEU B 24 2.56 2.33 -2.02
C LEU B 24 3.87 3.00 -1.58
N ALA B 25 3.81 4.30 -1.28
CA ALA B 25 4.98 5.02 -0.79
C ALA B 25 5.58 4.29 0.42
N SER B 26 4.74 3.78 1.33
CA SER B 26 5.21 3.16 2.55
C SER B 26 5.91 1.84 2.26
N LEU B 27 5.31 1.07 1.34
CA LEU B 27 5.86 -0.20 0.89
C LEU B 27 7.22 0.03 0.22
N LEU B 28 7.33 1.10 -0.60
CA LEU B 28 8.60 1.46 -1.19
C LEU B 28 9.63 1.78 -0.10
N LYS B 29 9.22 2.50 0.95
CA LYS B 29 10.15 2.85 2.02
C LYS B 29 10.69 1.59 2.66
N VAL B 30 9.80 0.66 2.98
CA VAL B 30 10.15 -0.50 3.75
C VAL B 30 11.11 -1.37 2.96
N HIS B 31 10.78 -1.57 1.67
CA HIS B 31 11.64 -2.37 0.82
C HIS B 31 13.02 -1.76 0.66
N LEU B 32 13.10 -0.46 0.41
CA LEU B 32 14.39 0.17 0.17
C LEU B 32 15.29 0.11 1.41
N GLN B 33 14.71 0.35 2.61
CA GLN B 33 15.46 0.23 3.84
C GLN B 33 15.94 -1.20 4.05
N LEU B 34 15.11 -2.18 3.71
CA LEU B 34 15.53 -3.55 3.78
C LEU B 34 16.81 -3.73 2.99
N HIS B 35 16.88 -3.04 1.85
CA HIS B 35 17.99 -3.17 0.93
C HIS B 35 19.09 -2.14 1.22
N GLY B 36 19.13 -1.57 2.42
CA GLY B 36 20.32 -0.85 2.84
C GLY B 36 20.28 0.64 2.52
N PHE B 37 19.17 1.17 2.00
CA PHE B 37 19.05 2.59 1.72
C PHE B 37 18.48 3.31 2.92
N SER B 38 19.02 4.49 3.23
CA SER B 38 18.36 5.42 4.14
CA SER B 38 18.35 5.41 4.15
C SER B 38 17.31 6.21 3.36
N VAL B 39 16.08 6.26 3.89
CA VAL B 39 14.95 6.76 3.12
C VAL B 39 14.22 7.84 3.91
N PHE B 40 13.84 8.92 3.23
CA PHE B 40 12.96 9.91 3.79
C PHE B 40 11.57 9.70 3.23
N ILE B 41 10.61 9.51 4.13
CA ILE B 41 9.21 9.72 3.84
C ILE B 41 8.67 10.53 5.02
N ASP B 42 7.71 11.42 4.71
CA ASP B 42 7.27 12.47 5.60
C ASP B 42 6.82 11.89 6.95
N VAL B 43 6.00 10.82 6.89
CA VAL B 43 5.37 10.24 8.06
C VAL B 43 6.42 9.65 9.00
N GLU B 44 7.61 9.29 8.53
CA GLU B 44 8.60 8.74 9.43
C GLU B 44 9.62 9.82 9.86
N LYS B 45 10.04 10.69 8.94
CA LYS B 45 11.26 11.44 9.20
C LYS B 45 11.07 12.96 9.18
N LEU B 46 9.93 13.49 8.78
CA LEU B 46 9.68 14.90 8.98
C LEU B 46 9.28 15.17 10.44
N GLU B 47 10.19 15.85 11.18
CA GLU B 47 10.04 16.12 12.61
C GLU B 47 9.88 17.61 12.92
N ALA B 48 10.49 18.08 14.03
CA ALA B 48 10.16 19.41 14.56
C ALA B 48 10.63 20.55 13.65
N GLY B 49 9.93 21.68 13.71
CA GLY B 49 10.40 22.88 13.03
C GLY B 49 9.46 23.25 11.90
N LYS B 50 9.72 24.37 11.24
CA LYS B 50 8.93 24.77 10.09
C LYS B 50 9.14 23.79 8.94
N PHE B 51 8.04 23.15 8.50
CA PHE B 51 8.12 22.01 7.61
C PHE B 51 8.51 22.43 6.17
N GLU B 52 8.21 23.68 5.76
CA GLU B 52 8.53 24.15 4.42
C GLU B 52 10.03 24.07 4.19
N ASP B 53 10.82 24.43 5.20
CA ASP B 53 12.27 24.37 5.12
C ASP B 53 12.77 22.92 5.18
N LYS B 54 12.34 22.19 6.21
CA LYS B 54 12.73 20.80 6.41
C LYS B 54 12.42 19.94 5.18
N LEU B 55 11.22 20.11 4.59
CA LEU B 55 10.80 19.26 3.48
C LEU B 55 11.74 19.53 2.32
N ILE B 56 11.97 20.81 2.01
CA ILE B 56 12.77 21.16 0.85
C ILE B 56 14.24 20.76 1.08
N GLN B 57 14.76 20.93 2.30
CA GLN B 57 16.12 20.50 2.57
C GLN B 57 16.24 18.99 2.43
N SER B 58 15.22 18.27 2.88
CA SER B 58 15.21 16.83 2.78
C SER B 58 15.28 16.38 1.31
N VAL B 59 14.57 17.05 0.40
CA VAL B 59 14.75 16.70 -1.01
C VAL B 59 16.21 16.95 -1.44
N MET B 60 16.81 18.05 -0.95
CA MET B 60 18.07 18.53 -1.45
C MET B 60 19.14 17.57 -1.00
N GLY B 61 18.94 16.94 0.17
CA GLY B 61 19.95 16.09 0.77
C GLY B 61 20.02 14.67 0.20
N ALA B 62 19.00 14.23 -0.52
CA ALA B 62 18.95 12.88 -1.04
C ALA B 62 19.40 12.84 -2.50
N ARG B 63 20.32 11.93 -2.82
CA ARG B 63 20.72 11.73 -4.20
C ARG B 63 19.49 11.37 -5.07
N ASN B 64 18.59 10.56 -4.51
CA ASN B 64 17.52 9.91 -5.25
C ASN B 64 16.18 10.51 -4.84
N PHE B 65 15.40 10.90 -5.86
CA PHE B 65 14.03 11.29 -5.69
C PHE B 65 13.11 10.28 -6.36
N VAL B 66 12.46 9.47 -5.53
CA VAL B 66 11.48 8.50 -6.01
C VAL B 66 10.10 9.15 -5.89
N LEU B 67 9.38 9.19 -7.02
CA LEU B 67 8.12 9.91 -7.18
C LEU B 67 6.99 8.93 -7.49
N VAL B 68 6.01 8.87 -6.60
CA VAL B 68 4.94 7.91 -6.73
C VAL B 68 3.82 8.48 -7.59
N LEU B 69 3.68 7.92 -8.79
CA LEU B 69 2.64 8.32 -9.72
C LEU B 69 1.50 7.30 -9.63
N SER B 70 0.80 7.38 -8.49
CA SER B 70 -0.50 6.76 -8.31
C SER B 70 -1.52 7.47 -9.20
N PRO B 71 -2.77 6.97 -9.33
CA PRO B 71 -3.71 7.59 -10.25
C PRO B 71 -3.99 9.04 -9.84
N GLY B 72 -3.81 9.97 -10.79
CA GLY B 72 -4.16 11.37 -10.58
C GLY B 72 -3.16 12.13 -9.70
N ALA B 73 -2.01 11.53 -9.37
CA ALA B 73 -1.07 12.10 -8.43
C ALA B 73 -0.68 13.54 -8.80
N LEU B 74 -0.77 13.93 -10.07
CA LEU B 74 -0.30 15.25 -10.44
C LEU B 74 -1.43 16.24 -10.66
N ASP B 75 -2.67 15.85 -10.35
CA ASP B 75 -3.83 16.68 -10.66
C ASP B 75 -3.78 17.98 -9.86
N LYS B 76 -3.30 17.93 -8.61
CA LYS B 76 -3.23 19.14 -7.80
C LYS B 76 -2.08 20.04 -8.21
N CYS B 77 -1.09 19.50 -8.92
CA CYS B 77 -0.01 20.32 -9.50
C CYS B 77 -0.51 21.17 -10.66
N MET B 78 -1.61 20.76 -11.30
CA MET B 78 -2.17 21.47 -12.45
C MET B 78 -2.79 22.79 -12.01
N GLN B 79 -2.43 23.89 -12.66
CA GLN B 79 -2.95 25.19 -12.27
C GLN B 79 -2.46 25.61 -10.88
N ASP B 80 -1.35 25.04 -10.40
CA ASP B 80 -0.75 25.50 -9.17
C ASP B 80 0.16 26.69 -9.49
N HIS B 81 -0.45 27.85 -9.81
CA HIS B 81 0.29 29.02 -10.32
C HIS B 81 1.24 29.58 -9.27
N ASP B 82 0.83 29.56 -7.99
CA ASP B 82 1.63 30.14 -6.93
C ASP B 82 2.51 29.10 -6.23
N CYS B 83 2.58 27.85 -6.73
CA CYS B 83 3.48 26.85 -6.17
C CYS B 83 3.10 26.51 -4.72
N LYS B 84 1.81 26.25 -4.48
CA LYS B 84 1.31 25.96 -3.14
C LYS B 84 1.17 24.46 -2.88
N ASP B 85 1.21 23.64 -3.93
CA ASP B 85 1.02 22.21 -3.83
C ASP B 85 2.37 21.56 -3.56
N TRP B 86 2.40 20.60 -2.64
CA TRP B 86 3.67 20.14 -2.09
C TRP B 86 4.39 19.14 -3.00
N VAL B 87 3.65 18.35 -3.77
CA VAL B 87 4.27 17.47 -4.74
C VAL B 87 4.88 18.34 -5.84
N HIS B 88 4.16 19.39 -6.26
CA HIS B 88 4.71 20.43 -7.11
C HIS B 88 6.06 20.89 -6.58
N LYS B 89 6.07 21.27 -5.30
CA LYS B 89 7.25 21.88 -4.70
C LYS B 89 8.40 20.88 -4.63
N GLU B 90 8.08 19.65 -4.32
CA GLU B 90 9.14 18.66 -4.19
C GLU B 90 9.75 18.38 -5.56
N ILE B 91 8.92 18.30 -6.62
CA ILE B 91 9.42 17.94 -7.94
C ILE B 91 10.31 19.06 -8.46
N VAL B 92 9.91 20.31 -8.24
CA VAL B 92 10.67 21.43 -8.73
C VAL B 92 12.06 21.38 -8.09
N THR B 93 12.09 21.11 -6.78
CA THR B 93 13.34 21.07 -6.05
C THR B 93 14.24 19.97 -6.60
N ALA B 94 13.69 18.78 -6.79
CA ALA B 94 14.40 17.66 -7.41
C ALA B 94 14.95 18.02 -8.79
N LEU B 95 14.13 18.73 -9.60
CA LEU B 95 14.50 19.09 -10.95
C LEU B 95 15.61 20.14 -10.95
N SER B 96 15.40 21.23 -10.19
CA SER B 96 16.41 22.27 -10.03
C SER B 96 17.74 21.67 -9.61
N CYS B 97 17.70 20.69 -8.71
CA CYS B 97 18.90 20.22 -8.08
C CYS B 97 19.49 19.09 -8.90
N GLY B 98 18.83 18.72 -10.00
CA GLY B 98 19.32 17.68 -10.88
C GLY B 98 19.34 16.32 -10.20
N LYS B 99 18.29 15.96 -9.47
CA LYS B 99 18.34 14.73 -8.71
C LYS B 99 18.19 13.54 -9.65
N ASN B 100 18.49 12.33 -9.14
CA ASN B 100 18.19 11.07 -9.80
C ASN B 100 16.72 10.73 -9.54
N ILE B 101 15.87 11.24 -10.46
CA ILE B 101 14.44 11.13 -10.39
C ILE B 101 14.03 9.76 -10.97
N VAL B 102 13.30 9.00 -10.14
CA VAL B 102 12.78 7.69 -10.50
C VAL B 102 11.25 7.67 -10.31
N PRO B 103 10.43 7.96 -11.36
CA PRO B 103 8.99 7.85 -11.24
C PRO B 103 8.59 6.39 -11.12
N ILE B 104 7.59 6.12 -10.28
CA ILE B 104 7.00 4.81 -10.10
C ILE B 104 5.55 4.95 -10.53
N ILE B 105 5.16 4.15 -11.53
CA ILE B 105 3.91 4.32 -12.25
C ILE B 105 2.94 3.25 -11.77
N ASP B 106 1.90 3.68 -11.04
CA ASP B 106 0.93 2.77 -10.48
C ASP B 106 -0.45 3.25 -10.92
N GLY B 107 -0.77 3.00 -12.20
CA GLY B 107 -2.08 3.29 -12.77
C GLY B 107 -2.22 4.76 -13.16
N PHE B 108 -1.10 5.37 -13.51
CA PHE B 108 -1.08 6.78 -13.86
C PHE B 108 -1.28 6.90 -15.36
N GLU B 109 -2.01 7.92 -15.80
CA GLU B 109 -2.08 8.25 -17.21
C GLU B 109 -1.15 9.43 -17.48
N TRP B 110 -0.26 9.31 -18.45
CA TRP B 110 0.65 10.40 -18.78
C TRP B 110 -0.16 11.57 -19.34
N PRO B 111 -0.17 12.76 -18.69
CA PRO B 111 -0.89 13.89 -19.22
C PRO B 111 -0.04 14.55 -20.29
N GLU B 112 -0.66 15.32 -21.19
CA GLU B 112 0.12 16.18 -22.07
C GLU B 112 0.91 17.13 -21.19
N PRO B 113 2.24 17.29 -21.41
CA PRO B 113 3.08 18.12 -20.54
C PRO B 113 2.48 19.48 -20.19
N GLN B 114 1.78 20.10 -21.15
CA GLN B 114 1.37 21.48 -21.06
C GLN B 114 0.20 21.68 -20.11
N VAL B 115 -0.34 20.62 -19.51
CA VAL B 115 -1.32 20.80 -18.46
C VAL B 115 -0.56 21.04 -17.16
N LEU B 116 0.75 20.76 -17.17
CA LEU B 116 1.54 20.95 -15.95
C LEU B 116 2.20 22.32 -15.92
N PRO B 117 2.59 22.82 -14.72
CA PRO B 117 3.44 24.00 -14.66
C PRO B 117 4.75 23.79 -15.39
N GLU B 118 5.20 24.82 -16.11
CA GLU B 118 6.42 24.81 -16.88
C GLU B 118 7.60 24.30 -16.05
N ASP B 119 7.65 24.69 -14.77
CA ASP B 119 8.79 24.40 -13.91
C ASP B 119 8.84 22.92 -13.47
N MET B 120 7.81 22.11 -13.80
CA MET B 120 7.90 20.69 -13.50
C MET B 120 7.62 19.81 -14.73
N GLN B 121 7.39 20.41 -15.92
CA GLN B 121 7.11 19.60 -17.11
C GLN B 121 8.23 18.59 -17.40
N ALA B 122 9.48 18.92 -17.06
CA ALA B 122 10.60 18.02 -17.35
C ALA B 122 10.47 16.70 -16.57
N VAL B 123 9.65 16.65 -15.50
CA VAL B 123 9.52 15.41 -14.72
C VAL B 123 9.11 14.24 -15.65
N LEU B 124 8.44 14.54 -16.75
CA LEU B 124 7.92 13.49 -17.63
C LEU B 124 8.99 12.94 -18.58
N THR B 125 10.19 13.50 -18.60
CA THR B 125 11.26 13.04 -19.49
C THR B 125 12.12 11.98 -18.81
N PHE B 126 11.87 11.71 -17.53
CA PHE B 126 12.65 10.71 -16.83
C PHE B 126 11.96 9.35 -17.03
N ASN B 127 12.78 8.30 -17.06
CA ASN B 127 12.30 6.96 -17.29
C ASN B 127 11.66 6.42 -15.98
N GLY B 128 10.40 5.98 -16.06
CA GLY B 128 9.73 5.43 -14.90
C GLY B 128 9.69 3.89 -14.86
N ILE B 129 9.20 3.39 -13.75
CA ILE B 129 9.13 1.99 -13.46
C ILE B 129 7.68 1.64 -13.19
N LYS B 130 7.14 0.69 -13.96
CA LYS B 130 5.77 0.25 -13.81
C LYS B 130 5.76 -0.57 -12.52
N TRP B 131 4.88 -0.20 -11.58
CA TRP B 131 4.65 -1.00 -10.38
C TRP B 131 3.76 -2.20 -10.71
N SER B 132 4.33 -3.41 -10.57
CA SER B 132 3.63 -4.64 -10.93
C SER B 132 3.15 -5.35 -9.67
N HIS B 133 1.83 -5.51 -9.54
CA HIS B 133 1.22 -6.08 -8.35
C HIS B 133 1.61 -7.55 -8.28
N GLU B 134 1.70 -8.15 -9.47
CA GLU B 134 1.96 -9.57 -9.61
C GLU B 134 3.44 -9.90 -9.43
N TYR B 135 4.33 -8.92 -9.66
CA TYR B 135 5.78 -9.14 -9.70
C TYR B 135 6.46 -8.00 -8.93
N GLN B 136 6.11 -7.87 -7.65
CA GLN B 136 6.59 -6.78 -6.82
C GLN B 136 8.10 -6.91 -6.54
N GLU B 137 8.57 -8.13 -6.24
CA GLU B 137 9.99 -8.30 -5.95
C GLU B 137 10.84 -7.80 -7.13
N ALA B 138 10.41 -8.14 -8.35
CA ALA B 138 11.14 -7.76 -9.53
C ALA B 138 11.07 -6.25 -9.73
N THR B 139 9.91 -5.64 -9.42
CA THR B 139 9.76 -4.21 -9.51
C THR B 139 10.76 -3.55 -8.57
N ILE B 140 10.80 -4.04 -7.33
CA ILE B 140 11.70 -3.53 -6.30
C ILE B 140 13.16 -3.63 -6.76
N GLU B 141 13.48 -4.73 -7.44
CA GLU B 141 14.82 -4.97 -7.93
C GLU B 141 15.19 -3.92 -8.99
N LYS B 142 14.25 -3.63 -9.87
CA LYS B 142 14.45 -2.69 -10.95
C LYS B 142 14.67 -1.28 -10.39
N ILE B 143 13.88 -0.94 -9.35
CA ILE B 143 14.01 0.34 -8.67
C ILE B 143 15.41 0.45 -8.07
N ILE B 144 15.90 -0.60 -7.41
CA ILE B 144 17.24 -0.54 -6.82
C ILE B 144 18.30 -0.35 -7.91
N ARG B 145 18.12 -0.96 -9.10
CA ARG B 145 19.06 -0.78 -10.18
C ARG B 145 19.10 0.69 -10.59
N PHE B 146 17.97 1.41 -10.53
CA PHE B 146 17.92 2.80 -10.96
C PHE B 146 18.61 3.72 -9.94
N LEU B 147 18.64 3.30 -8.67
CA LEU B 147 19.11 4.17 -7.60
C LEU B 147 20.61 4.39 -7.71
N GLN B 148 21.06 5.61 -7.36
CA GLN B 148 22.48 5.94 -7.42
C GLN B 148 23.08 5.90 -6.02
#